data_4DEY
#
_entry.id   4DEY
#
_cell.length_a   53.257
_cell.length_b   70.512
_cell.length_c   134.339
_cell.angle_alpha   90.00
_cell.angle_beta   90.00
_cell.angle_gamma   90.00
#
_symmetry.space_group_name_H-M   'P 21 21 21'
#
loop_
_entity.id
_entity.type
_entity.pdbx_description
1 polymer 'Voltage-dependent L-type calcium channel subunit alpha-1C'
2 polymer 'Voltage-dependent L-type calcium channel subunit beta-2'
3 non-polymer 'BROMIDE ION'
4 water water
#
loop_
_entity_poly.entity_id
_entity_poly.type
_entity_poly.pdbx_seq_one_letter_code
_entity_poly.pdbx_strand_id
1 'polypeptide(L)'
;GSGEFSKEREKAKARGDFQKLREKQQLEEDLKGYLDWITQAEDIDPENEDEGMDEEKPRNMSMPTSETESVNTENVAGGD
IEGENCGARLAHRISKSKFSRYWRRW
;
B
2 'polypeptide(L)'
;SRPSDSDVSLEEDREAVRREAERQAQAQLEKAKTKPVAFAVRTNVSYSAAHEDDVPVPGMAISFEAKDFLHVKEKFNNDW
WIGRLVKEGCEIGFIPSPVKLENMRLQHEQRAKEFKLHSKEKRMPFFKKTEHTPPYDVVPSMRPVVLVGPSLKGYEVTDM
MQKALFDFLKHRFEGRISITRVTADISLAKRSVLNNPSKHAIIERSNTRSSLAEVQSEIERIFELARTLQLVVLDADTIN
HPAQLSKTSLAPIVVYVKISSPKVLQRLIKSRGKSQAKHLNVQMVAADKLAQCPPELFDVILDENQLEDACEHLADYLEA
YWKATHPPSSNLPNPLL
;
A
#
# COMPACT_ATOMS: atom_id res chain seq x y z
N GLY A 16 0.77 46.84 -2.74
CA GLY A 16 1.82 45.89 -2.40
C GLY A 16 1.53 45.13 -1.11
N ASP A 17 0.50 44.30 -1.13
CA ASP A 17 0.20 43.39 -0.03
C ASP A 17 1.31 42.34 0.02
N PHE A 18 2.06 42.31 1.12
CA PHE A 18 3.20 41.40 1.21
C PHE A 18 2.85 39.92 1.11
N GLN A 19 1.78 39.52 1.80
CA GLN A 19 1.32 38.15 1.73
C GLN A 19 1.08 37.72 0.29
N LYS A 20 0.49 38.59 -0.52
CA LYS A 20 0.21 38.26 -1.91
C LYS A 20 1.51 38.19 -2.69
N LEU A 21 2.46 39.04 -2.33
CA LEU A 21 3.77 39.03 -2.97
C LEU A 21 4.49 37.70 -2.76
N ARG A 22 4.61 37.26 -1.52
CA ARG A 22 5.24 35.95 -1.30
C ARG A 22 4.44 34.77 -1.84
N GLU A 23 3.11 34.86 -1.82
CA GLU A 23 2.31 33.82 -2.48
C GLU A 23 2.65 33.75 -3.96
N LYS A 24 2.66 34.91 -4.60
CA LYS A 24 2.98 35.01 -6.03
C LYS A 24 4.35 34.41 -6.35
N GLN A 25 5.33 34.74 -5.51
CA GLN A 25 6.67 34.19 -5.69
C GLN A 25 6.69 32.69 -5.46
N GLN A 26 5.91 32.22 -4.50
CA GLN A 26 5.81 30.79 -4.27
C GLN A 26 5.24 30.10 -5.50
N LEU A 27 4.21 30.69 -6.13
CA LEU A 27 3.62 30.08 -7.32
C LEU A 27 4.60 30.09 -8.50
N GLU A 28 5.44 31.12 -8.57
CA GLU A 28 6.48 31.14 -9.61
C GLU A 28 7.47 29.99 -9.43
N GLU A 29 7.91 29.80 -8.20
CA GLU A 29 8.78 28.68 -7.85
C GLU A 29 8.11 27.33 -8.13
N ASP A 30 6.85 27.18 -7.73
CA ASP A 30 6.12 25.93 -8.00
C ASP A 30 6.13 25.63 -9.50
N LEU A 31 5.71 26.61 -10.30
CA LEU A 31 5.63 26.43 -11.75
C LEU A 31 6.98 26.07 -12.38
N LYS A 32 8.03 26.80 -12.02
CA LYS A 32 9.37 26.48 -12.53
C LYS A 32 9.76 25.07 -12.18
N GLY A 33 9.51 24.68 -10.93
CA GLY A 33 9.82 23.33 -10.47
C GLY A 33 9.12 22.25 -11.26
N TYR A 34 7.81 22.43 -11.48
CA TYR A 34 7.05 21.43 -12.21
C TYR A 34 7.39 21.42 -13.69
N LEU A 35 7.65 22.59 -14.27
CA LEU A 35 8.06 22.64 -15.67
C LEU A 35 9.36 21.84 -15.85
N ASP A 36 10.28 21.98 -14.90
CA ASP A 36 11.54 21.25 -14.93
C ASP A 36 11.31 19.74 -14.77
N TRP A 37 10.41 19.39 -13.87
CA TRP A 37 9.98 18.01 -13.62
C TRP A 37 9.51 17.39 -14.92
N ILE A 38 8.61 18.07 -15.62
CA ILE A 38 8.11 17.57 -16.89
C ILE A 38 9.22 17.43 -17.93
N THR A 39 10.13 18.40 -17.99
CA THR A 39 11.24 18.30 -18.94
C THR A 39 12.14 17.09 -18.68
N GLN A 40 12.35 16.79 -17.41
CA GLN A 40 13.14 15.62 -17.07
C GLN A 40 12.47 14.34 -17.55
N ALA A 41 11.15 14.31 -17.58
CA ALA A 41 10.44 13.15 -18.10
C ALA A 41 10.57 13.06 -19.60
N GLU A 42 10.66 14.20 -20.27
CA GLU A 42 10.69 14.25 -21.72
C GLU A 42 12.00 13.72 -22.30
N ASP A 43 13.09 13.88 -21.57
CA ASP A 43 14.37 13.43 -22.11
C ASP A 43 14.78 12.06 -21.60
N ILE A 44 13.79 11.24 -21.25
CA ILE A 44 14.03 9.83 -20.97
C ILE A 44 13.69 8.97 -22.19
N GLU B 11 -1.95 -32.27 37.47
CA GLU B 11 -0.84 -31.85 38.31
C GLU B 11 0.46 -31.79 37.51
N GLU B 12 1.53 -32.33 38.10
CA GLU B 12 2.72 -32.66 37.34
C GLU B 12 2.50 -34.07 36.78
N ASP B 13 1.28 -34.55 36.99
CA ASP B 13 0.72 -35.60 36.16
C ASP B 13 0.44 -34.94 34.81
N ARG B 14 -0.32 -33.85 34.85
CA ARG B 14 -0.74 -33.14 33.63
C ARG B 14 0.35 -32.26 33.04
N GLU B 15 1.14 -31.62 33.90
CA GLU B 15 2.16 -30.67 33.44
C GLU B 15 3.36 -31.35 32.76
N ALA B 16 3.15 -32.57 32.28
CA ALA B 16 4.11 -33.22 31.39
C ALA B 16 3.74 -32.85 29.96
N VAL B 17 2.48 -33.09 29.60
CA VAL B 17 2.01 -32.84 28.24
C VAL B 17 1.86 -31.35 27.95
N ARG B 18 1.20 -30.63 28.86
CA ARG B 18 0.90 -29.21 28.65
C ARG B 18 2.09 -28.30 29.01
N ARG B 19 3.30 -28.84 28.88
CA ARG B 19 4.52 -28.06 28.97
C ARG B 19 5.45 -28.59 27.89
N GLU B 20 5.09 -29.75 27.35
CA GLU B 20 5.74 -30.30 26.17
C GLU B 20 5.05 -29.78 24.92
N ALA B 21 3.79 -29.37 25.08
CA ALA B 21 3.05 -28.75 23.99
C ALA B 21 3.64 -27.37 23.71
N GLU B 22 3.99 -26.67 24.79
CA GLU B 22 4.55 -25.32 24.70
C GLU B 22 5.96 -25.36 24.09
N ARG B 23 6.68 -26.43 24.37
CA ARG B 23 8.01 -26.62 23.78
C ARG B 23 7.90 -26.90 22.29
N GLN B 24 6.91 -27.70 21.90
CA GLN B 24 6.71 -28.09 20.52
C GLN B 24 6.16 -26.94 19.69
N ALA B 25 5.57 -25.98 20.37
CA ALA B 25 5.00 -24.80 19.71
C ALA B 25 6.08 -23.76 19.47
N GLN B 26 6.87 -23.49 20.50
CA GLN B 26 8.01 -22.59 20.36
C GLN B 26 8.95 -23.12 19.30
N ALA B 27 9.00 -24.46 19.18
CA ALA B 27 9.77 -25.14 18.16
C ALA B 27 9.41 -24.65 16.76
N GLN B 28 8.16 -24.91 16.34
CA GLN B 28 7.69 -24.53 15.03
C GLN B 28 7.85 -23.04 14.77
N LEU B 29 7.73 -22.25 15.83
CA LEU B 29 7.73 -20.80 15.72
C LEU B 29 9.10 -20.27 15.31
N GLU B 30 10.16 -20.80 15.93
CA GLU B 30 11.51 -20.44 15.54
C GLU B 30 11.81 -20.93 14.13
N LYS B 31 11.28 -22.10 13.80
CA LYS B 31 11.51 -22.71 12.49
C LYS B 31 10.81 -21.98 11.35
N ALA B 32 9.77 -21.20 11.67
CA ALA B 32 9.04 -20.49 10.63
C ALA B 32 9.69 -19.15 10.34
N LYS B 33 10.64 -18.77 11.20
CA LYS B 33 11.32 -17.49 11.06
C LYS B 33 12.05 -17.39 9.73
N THR B 34 12.52 -18.52 9.22
CA THR B 34 13.28 -18.53 7.99
C THR B 34 12.41 -18.83 6.77
N LYS B 35 11.18 -19.27 7.01
CA LYS B 35 10.28 -19.68 5.94
C LYS B 35 9.79 -18.50 5.10
N PRO B 36 9.36 -18.76 3.85
CA PRO B 36 8.81 -17.70 3.01
C PRO B 36 7.40 -17.32 3.44
N VAL B 37 6.94 -16.17 2.98
CA VAL B 37 5.57 -15.74 3.26
C VAL B 37 4.59 -16.52 2.39
N ALA B 38 3.71 -17.29 3.01
CA ALA B 38 2.72 -18.05 2.26
C ALA B 38 1.69 -17.14 1.59
N PHE B 39 1.20 -16.16 2.33
CA PHE B 39 0.27 -15.19 1.78
C PHE B 39 0.20 -14.03 2.75
N ALA B 40 -0.43 -12.93 2.33
CA ALA B 40 -0.63 -11.79 3.21
C ALA B 40 -2.12 -11.57 3.39
N VAL B 41 -2.52 -11.01 4.52
CA VAL B 41 -3.89 -10.59 4.67
C VAL B 41 -3.97 -9.16 5.16
N ARG B 42 -5.04 -8.48 4.77
CA ARG B 42 -5.43 -7.23 5.39
C ARG B 42 -6.54 -7.59 6.35
N THR B 43 -6.44 -7.11 7.59
CA THR B 43 -7.42 -7.48 8.60
C THR B 43 -8.64 -6.57 8.52
N ASN B 44 -9.79 -7.12 8.92
CA ASN B 44 -11.02 -6.35 9.01
C ASN B 44 -11.42 -6.21 10.46
N VAL B 45 -10.65 -6.83 11.34
CA VAL B 45 -10.92 -6.80 12.76
C VAL B 45 -9.62 -6.57 13.51
N SER B 46 -9.73 -6.27 14.80
CA SER B 46 -8.56 -6.14 15.64
C SER B 46 -8.42 -7.37 16.51
N TYR B 47 -7.26 -7.54 17.11
CA TYR B 47 -7.04 -8.62 18.05
C TYR B 47 -5.95 -8.29 19.05
N SER B 48 -6.22 -8.57 20.31
CA SER B 48 -5.18 -8.57 21.31
C SER B 48 -5.47 -9.75 22.22
N ALA B 49 -4.46 -10.58 22.44
CA ALA B 49 -4.67 -11.86 23.11
C ALA B 49 -5.04 -11.68 24.58
N ALA B 50 -6.03 -12.44 25.02
CA ALA B 50 -6.36 -12.53 26.43
C ALA B 50 -5.90 -13.91 26.89
N HIS B 51 -5.67 -14.06 28.19
CA HIS B 51 -5.16 -15.33 28.71
C HIS B 51 -6.08 -16.50 28.32
N GLU B 52 -7.38 -16.32 28.48
CA GLU B 52 -8.35 -17.36 28.15
C GLU B 52 -8.39 -17.74 26.67
N ASP B 53 -7.64 -17.04 25.84
CA ASP B 53 -7.59 -17.35 24.42
C ASP B 53 -6.76 -18.61 24.20
N ASP B 54 -5.90 -18.92 25.17
CA ASP B 54 -5.11 -20.15 25.14
C ASP B 54 -4.13 -20.20 23.97
N VAL B 55 -3.23 -19.22 23.92
CA VAL B 55 -2.18 -19.14 22.89
C VAL B 55 -1.15 -20.26 23.07
N PRO B 56 -0.79 -20.96 21.98
CA PRO B 56 0.13 -22.10 22.08
C PRO B 56 1.42 -21.77 22.83
N VAL B 57 1.88 -20.53 22.72
CA VAL B 57 2.94 -20.06 23.59
C VAL B 57 2.50 -18.72 24.19
N PRO B 58 2.32 -18.70 25.51
CA PRO B 58 1.84 -17.51 26.23
C PRO B 58 2.69 -16.29 25.93
N GLY B 59 2.03 -15.18 25.59
CA GLY B 59 2.74 -13.97 25.27
C GLY B 59 3.22 -13.89 23.83
N MET B 60 3.03 -14.96 23.06
CA MET B 60 3.54 -15.01 21.69
C MET B 60 2.49 -14.78 20.59
N ALA B 61 1.27 -14.41 20.98
CA ALA B 61 0.28 -14.01 19.99
C ALA B 61 0.62 -12.62 19.47
N ILE B 62 0.36 -12.36 18.21
CA ILE B 62 0.53 -11.00 17.72
C ILE B 62 -0.72 -10.18 17.98
N SER B 63 -0.57 -8.87 18.03
CA SER B 63 -1.70 -7.96 18.23
C SER B 63 -1.81 -7.08 16.99
N PHE B 64 -3.04 -6.74 16.61
CA PHE B 64 -3.23 -5.91 15.44
C PHE B 64 -4.54 -5.16 15.50
N GLU B 65 -4.67 -4.14 14.66
CA GLU B 65 -5.90 -3.37 14.57
C GLU B 65 -6.53 -3.70 13.23
N ALA B 66 -7.77 -3.27 13.01
CA ALA B 66 -8.40 -3.47 11.71
C ALA B 66 -7.63 -2.67 10.67
N LYS B 67 -7.57 -3.19 9.45
CA LYS B 67 -6.81 -2.61 8.35
C LYS B 67 -5.30 -2.73 8.48
N ASP B 68 -4.81 -3.52 9.43
CA ASP B 68 -3.38 -3.81 9.45
C ASP B 68 -3.12 -4.90 8.43
N PHE B 69 -1.84 -5.13 8.12
CA PHE B 69 -1.42 -6.16 7.20
C PHE B 69 -0.58 -7.22 7.91
N LEU B 70 -0.86 -8.48 7.61
CA LEU B 70 -0.16 -9.58 8.22
C LEU B 70 0.47 -10.46 7.16
N HIS B 71 1.70 -10.91 7.41
CA HIS B 71 2.36 -11.91 6.57
C HIS B 71 2.26 -13.25 7.26
N VAL B 72 1.64 -14.21 6.60
CA VAL B 72 1.43 -15.52 7.20
C VAL B 72 2.42 -16.51 6.62
N LYS B 73 3.14 -17.21 7.50
CA LYS B 73 4.15 -18.18 7.08
C LYS B 73 3.55 -19.56 6.95
N GLU B 74 2.83 -19.99 7.98
CA GLU B 74 2.30 -21.35 8.00
C GLU B 74 1.12 -21.52 8.96
N LYS B 75 0.47 -22.67 8.86
CA LYS B 75 -0.64 -23.01 9.73
C LYS B 75 -0.11 -23.87 10.87
N PHE B 76 -0.26 -23.39 12.11
CA PHE B 76 0.18 -24.16 13.27
C PHE B 76 -0.82 -25.26 13.60
N ASN B 77 -2.08 -24.87 13.76
CA ASN B 77 -3.18 -25.83 13.82
C ASN B 77 -4.47 -25.19 13.32
N ASN B 78 -5.61 -25.79 13.64
CA ASN B 78 -6.88 -25.23 13.18
C ASN B 78 -7.19 -23.88 13.84
N ASP B 79 -6.60 -23.65 15.00
CA ASP B 79 -6.88 -22.43 15.75
C ASP B 79 -5.89 -21.29 15.48
N TRP B 80 -4.66 -21.64 15.08
CA TRP B 80 -3.60 -20.66 15.04
C TRP B 80 -2.72 -20.74 13.80
N TRP B 81 -2.42 -19.58 13.23
CA TRP B 81 -1.45 -19.47 12.17
C TRP B 81 -0.20 -18.85 12.75
N ILE B 82 0.88 -18.92 12.00
CA ILE B 82 2.12 -18.29 12.41
C ILE B 82 2.45 -17.19 11.41
N GLY B 83 2.68 -15.98 11.90
CA GLY B 83 3.05 -14.88 11.03
C GLY B 83 3.40 -13.61 11.78
N ARG B 84 3.50 -12.51 11.05
CA ARG B 84 3.86 -11.25 11.68
C ARG B 84 3.05 -10.08 11.16
N LEU B 85 2.90 -9.08 12.02
CA LEU B 85 2.36 -7.81 11.63
C LEU B 85 3.38 -7.16 10.71
N VAL B 86 2.93 -6.60 9.60
CA VAL B 86 3.86 -5.92 8.71
C VAL B 86 4.18 -4.54 9.25
N LYS B 87 5.22 -4.50 10.07
CA LYS B 87 5.59 -3.27 10.76
C LYS B 87 7.01 -3.42 11.28
N GLU B 88 7.81 -2.37 11.16
CA GLU B 88 9.18 -2.42 11.63
C GLU B 88 9.27 -2.76 13.11
N GLY B 89 10.11 -3.74 13.42
CA GLY B 89 10.29 -4.16 14.79
C GLY B 89 9.40 -5.32 15.17
N CYS B 90 8.28 -5.49 14.47
CA CYS B 90 7.38 -6.59 14.80
C CYS B 90 7.92 -7.93 14.33
N GLU B 91 7.75 -8.94 15.16
CA GLU B 91 8.31 -10.25 14.91
C GLU B 91 7.24 -11.33 14.80
N ILE B 92 7.68 -12.50 14.35
CA ILE B 92 6.83 -13.67 14.16
C ILE B 92 6.10 -14.05 15.47
N GLY B 93 4.88 -14.56 15.33
CA GLY B 93 4.08 -14.98 16.47
C GLY B 93 2.82 -15.69 16.02
N PHE B 94 1.89 -15.89 16.94
CA PHE B 94 0.66 -16.61 16.61
C PHE B 94 -0.50 -15.68 16.22
N ILE B 95 -1.20 -16.08 15.17
CA ILE B 95 -2.34 -15.33 14.65
C ILE B 95 -3.57 -16.23 14.78
N PRO B 96 -4.65 -15.71 15.38
CA PRO B 96 -5.83 -16.59 15.51
C PRO B 96 -6.49 -16.79 14.15
N SER B 97 -6.89 -18.01 13.85
CA SER B 97 -7.54 -18.32 12.58
C SER B 97 -8.97 -17.79 12.65
N PRO B 98 -9.66 -17.73 11.51
CA PRO B 98 -11.04 -17.21 11.56
C PRO B 98 -11.97 -18.04 12.45
N VAL B 99 -11.80 -19.36 12.48
CA VAL B 99 -12.66 -20.18 13.34
C VAL B 99 -12.33 -19.94 14.81
N LYS B 100 -11.06 -19.70 15.13
CA LYS B 100 -10.67 -19.39 16.50
C LYS B 100 -11.26 -18.04 16.93
N LEU B 101 -11.23 -17.05 16.04
CA LEU B 101 -11.87 -15.76 16.34
C LEU B 101 -13.36 -15.91 16.57
N GLU B 102 -14.00 -16.74 15.74
CA GLU B 102 -15.43 -16.96 15.91
C GLU B 102 -15.69 -17.69 17.22
N ASN B 103 -14.79 -18.60 17.57
CA ASN B 103 -15.01 -19.38 18.78
C ASN B 103 -14.83 -18.54 20.03
N MET B 104 -13.92 -17.57 19.99
CA MET B 104 -13.73 -16.69 21.13
C MET B 104 -14.95 -15.83 21.35
N ARG B 105 -15.57 -15.36 20.27
CA ARG B 105 -16.77 -14.56 20.39
C ARG B 105 -17.90 -15.40 20.98
N LEU B 106 -18.09 -16.59 20.43
CA LEU B 106 -19.16 -17.48 20.89
C LEU B 106 -19.00 -17.89 22.35
N GLN B 107 -17.78 -18.19 22.76
CA GLN B 107 -17.52 -18.55 24.15
C GLN B 107 -17.82 -17.36 25.06
N HIS B 108 -17.44 -16.19 24.60
CA HIS B 108 -17.63 -14.97 25.38
C HIS B 108 -19.10 -14.71 25.62
N GLU B 109 -19.92 -14.93 24.59
CA GLU B 109 -21.36 -14.77 24.72
C GLU B 109 -21.95 -15.76 25.71
N GLN B 110 -21.52 -17.01 25.63
CA GLN B 110 -22.03 -18.06 26.51
C GLN B 110 -21.72 -17.78 27.97
N ARG B 111 -20.50 -17.36 28.26
CA ARG B 111 -20.11 -17.01 29.63
C ARG B 111 -20.99 -15.89 30.15
N ALA B 112 -21.35 -14.97 29.27
CA ALA B 112 -22.28 -13.90 29.61
C ALA B 112 -23.72 -14.35 29.36
N LYS B 113 -24.14 -15.41 30.03
CA LYS B 113 -25.50 -15.94 29.90
C LYS B 113 -25.80 -16.96 30.98
N THR B 133 -18.79 -10.45 6.99
CA THR B 133 -17.63 -9.83 7.62
C THR B 133 -16.53 -10.84 7.99
N PRO B 134 -15.77 -11.32 6.99
CA PRO B 134 -14.65 -12.20 7.30
C PRO B 134 -13.52 -11.38 7.93
N PRO B 135 -12.79 -11.97 8.88
CA PRO B 135 -11.77 -11.19 9.59
C PRO B 135 -10.55 -10.84 8.74
N TYR B 136 -10.25 -11.64 7.72
CA TYR B 136 -9.05 -11.47 6.92
C TYR B 136 -9.37 -11.49 5.44
N ASP B 137 -8.77 -10.58 4.68
CA ASP B 137 -8.84 -10.61 3.23
C ASP B 137 -7.45 -10.85 2.67
N VAL B 138 -7.33 -11.81 1.76
CA VAL B 138 -6.04 -12.08 1.13
C VAL B 138 -5.68 -10.93 0.19
N VAL B 139 -4.47 -10.41 0.33
CA VAL B 139 -3.99 -9.28 -0.45
C VAL B 139 -2.58 -9.61 -0.92
N PRO B 140 -2.01 -8.83 -1.86
CA PRO B 140 -0.65 -9.17 -2.28
C PRO B 140 0.35 -9.03 -1.13
N SER B 141 1.40 -9.84 -1.16
CA SER B 141 2.40 -9.85 -0.08
C SER B 141 3.17 -8.55 -0.01
N MET B 142 3.23 -7.84 -1.14
CA MET B 142 3.72 -6.48 -1.16
C MET B 142 2.63 -5.68 -1.80
N ARG B 143 2.18 -4.63 -1.12
CA ARG B 143 1.12 -3.78 -1.64
C ARG B 143 1.62 -3.06 -2.88
N PRO B 144 0.84 -3.13 -3.97
CA PRO B 144 1.29 -2.50 -5.20
C PRO B 144 1.19 -0.98 -5.08
N VAL B 145 2.20 -0.27 -5.55
CA VAL B 145 2.18 1.18 -5.54
C VAL B 145 1.39 1.67 -6.74
N VAL B 146 0.46 2.59 -6.50
CA VAL B 146 -0.32 3.18 -7.58
C VAL B 146 -0.24 4.70 -7.45
N LEU B 147 -0.02 5.39 -8.56
CA LEU B 147 0.06 6.86 -8.54
C LEU B 147 -1.24 7.48 -9.01
N VAL B 148 -1.74 8.46 -8.27
CA VAL B 148 -2.89 9.23 -8.72
C VAL B 148 -2.54 10.71 -8.69
N GLY B 149 -3.02 11.46 -9.67
CA GLY B 149 -2.69 12.87 -9.71
C GLY B 149 -1.43 13.19 -10.50
N PRO B 150 -1.21 14.49 -10.75
CA PRO B 150 -1.97 15.60 -10.16
C PRO B 150 -3.34 15.82 -10.79
N SER B 151 -3.57 15.26 -11.97
CA SER B 151 -4.87 15.36 -12.60
C SER B 151 -5.21 14.01 -13.23
N LEU B 152 -5.91 14.03 -14.38
CA LEU B 152 -6.27 12.80 -15.07
C LEU B 152 -5.15 12.21 -15.91
N LYS B 153 -4.99 10.89 -15.84
CA LYS B 153 -4.07 10.19 -16.73
C LYS B 153 -4.56 10.23 -18.17
N GLY B 154 -3.65 10.06 -19.12
CA GLY B 154 -4.02 10.13 -20.52
C GLY B 154 -3.87 11.55 -21.05
N TYR B 155 -3.49 12.48 -20.16
CA TYR B 155 -3.10 13.85 -20.58
C TYR B 155 -1.66 14.08 -20.19
N GLU B 156 -1.01 15.03 -20.86
CA GLU B 156 0.44 15.16 -20.78
C GLU B 156 0.99 15.53 -19.42
N VAL B 157 0.37 16.49 -18.75
CA VAL B 157 0.91 16.92 -17.47
C VAL B 157 1.02 15.77 -16.49
N THR B 158 -0.08 15.04 -16.28
CA THR B 158 -0.07 13.91 -15.37
C THR B 158 0.81 12.76 -15.86
N ASP B 159 0.68 12.39 -17.14
CA ASP B 159 1.45 11.26 -17.66
C ASP B 159 2.95 11.54 -17.59
N MET B 160 3.36 12.74 -17.94
CA MET B 160 4.78 13.06 -17.84
C MET B 160 5.29 13.18 -16.41
N MET B 161 4.52 13.80 -15.53
CA MET B 161 4.98 13.88 -14.14
C MET B 161 5.09 12.50 -13.49
N GLN B 162 4.13 11.61 -13.78
CA GLN B 162 4.20 10.25 -13.24
C GLN B 162 5.34 9.46 -13.88
N LYS B 163 5.54 9.67 -15.17
CA LYS B 163 6.62 8.99 -15.87
C LYS B 163 7.98 9.25 -15.22
N ALA B 164 8.22 10.48 -14.82
CA ALA B 164 9.51 10.85 -14.19
C ALA B 164 9.68 10.08 -12.89
N LEU B 165 8.58 9.90 -12.17
CA LEU B 165 8.61 9.14 -10.92
C LEU B 165 8.89 7.66 -11.16
N PHE B 166 8.23 7.07 -12.14
CA PHE B 166 8.48 5.66 -12.48
C PHE B 166 9.95 5.45 -12.87
N ASP B 167 10.49 6.35 -13.68
N ASP B 167 10.49 6.35 -13.67
CA ASP B 167 11.89 6.23 -14.08
CA ASP B 167 11.88 6.23 -14.08
C ASP B 167 12.84 6.33 -12.89
C ASP B 167 12.84 6.33 -12.90
N PHE B 168 12.55 7.23 -11.95
CA PHE B 168 13.37 7.34 -10.74
C PHE B 168 13.37 6.04 -9.96
N LEU B 169 12.18 5.48 -9.71
CA LEU B 169 12.06 4.27 -8.90
C LEU B 169 12.77 3.10 -9.52
N LYS B 170 12.71 3.02 -10.85
CA LYS B 170 13.39 1.97 -11.59
C LYS B 170 14.87 1.85 -11.22
N HIS B 171 15.52 2.99 -11.08
CA HIS B 171 16.95 3.00 -10.75
C HIS B 171 17.20 3.04 -9.25
N ARG B 172 16.36 3.77 -8.53
CA ARG B 172 16.51 3.95 -7.09
C ARG B 172 16.37 2.60 -6.39
N PHE B 173 15.47 1.76 -6.90
CA PHE B 173 15.24 0.45 -6.28
C PHE B 173 15.66 -0.73 -7.17
N GLU B 174 16.61 -0.49 -8.04
CA GLU B 174 17.05 -1.52 -8.99
C GLU B 174 17.44 -2.80 -8.27
N GLY B 175 16.90 -3.93 -8.71
CA GLY B 175 17.19 -5.20 -8.10
C GLY B 175 16.16 -5.62 -7.06
N ARG B 176 15.27 -4.71 -6.70
CA ARG B 176 14.27 -4.95 -5.67
C ARG B 176 12.90 -4.50 -6.11
N ILE B 177 12.72 -4.29 -7.41
CA ILE B 177 11.47 -3.66 -7.82
C ILE B 177 11.04 -4.17 -9.18
N SER B 178 9.73 -4.20 -9.40
CA SER B 178 9.23 -4.35 -10.75
C SER B 178 8.15 -3.30 -10.98
N ILE B 179 8.24 -2.63 -12.12
CA ILE B 179 7.29 -1.61 -12.49
C ILE B 179 6.60 -2.11 -13.73
N THR B 180 5.27 -2.23 -13.70
CA THR B 180 4.57 -2.85 -14.80
C THR B 180 3.37 -2.03 -15.20
N ARG B 181 3.13 -1.97 -16.51
CA ARG B 181 1.95 -1.33 -17.05
C ARG B 181 0.73 -2.22 -16.82
N VAL B 182 -0.34 -1.62 -16.33
CA VAL B 182 -1.63 -2.27 -16.24
C VAL B 182 -2.63 -1.49 -17.11
N THR B 183 -2.91 -2.01 -18.30
CA THR B 183 -3.90 -1.38 -19.19
C THR B 183 -5.35 -1.81 -18.91
N ALA B 184 -5.52 -3.04 -18.41
CA ALA B 184 -6.85 -3.56 -18.13
C ALA B 184 -7.49 -2.76 -17.02
N ASP B 185 -8.80 -2.57 -17.06
CA ASP B 185 -9.44 -1.76 -16.03
C ASP B 185 -9.67 -2.56 -14.76
N ILE B 186 -8.66 -2.53 -13.90
CA ILE B 186 -8.69 -3.27 -12.65
C ILE B 186 -9.63 -2.69 -11.60
N SER B 187 -10.19 -1.51 -11.83
CA SER B 187 -11.22 -0.98 -10.92
C SER B 187 -12.54 -1.71 -11.12
N LEU B 188 -12.65 -2.45 -12.21
CA LEU B 188 -13.86 -3.20 -12.51
C LEU B 188 -14.00 -4.44 -11.61
N ALA B 189 -12.97 -4.71 -10.83
CA ALA B 189 -13.01 -5.80 -9.85
C ALA B 189 -13.46 -5.30 -8.47
N ARG B 209 -14.68 -2.32 -23.01
CA ARG B 209 -13.93 -2.35 -21.76
C ARG B 209 -13.20 -3.68 -21.59
N SER B 210 -12.70 -3.91 -20.37
CA SER B 210 -11.98 -5.14 -20.06
C SER B 210 -12.93 -6.23 -19.59
N SER B 211 -12.81 -7.42 -20.18
CA SER B 211 -13.60 -8.56 -19.75
C SER B 211 -13.27 -8.95 -18.32
N LEU B 212 -14.16 -9.72 -17.72
CA LEU B 212 -13.93 -10.24 -16.38
C LEU B 212 -12.63 -11.05 -16.32
N ALA B 213 -12.42 -11.92 -17.31
CA ALA B 213 -11.24 -12.78 -17.33
C ALA B 213 -9.94 -11.97 -17.46
N GLU B 214 -9.95 -10.97 -18.32
CA GLU B 214 -8.79 -10.10 -18.50
C GLU B 214 -8.43 -9.38 -17.22
N VAL B 215 -9.44 -8.90 -16.51
CA VAL B 215 -9.20 -8.24 -15.22
C VAL B 215 -8.67 -9.23 -14.20
N GLN B 216 -9.32 -10.38 -14.08
CA GLN B 216 -8.86 -11.38 -13.12
C GLN B 216 -7.41 -11.78 -13.37
N SER B 217 -7.03 -11.98 -14.63
CA SER B 217 -5.65 -12.39 -14.91
C SER B 217 -4.62 -11.29 -14.59
N GLU B 218 -4.98 -10.02 -14.80
CA GLU B 218 -4.09 -8.93 -14.38
C GLU B 218 -3.97 -8.88 -12.86
N ILE B 219 -5.06 -9.16 -12.18
CA ILE B 219 -5.03 -9.14 -10.72
C ILE B 219 -4.15 -10.28 -10.22
N GLU B 220 -4.31 -11.46 -10.81
CA GLU B 220 -3.44 -12.59 -10.46
C GLU B 220 -1.96 -12.31 -10.78
N ARG B 221 -1.71 -11.60 -11.87
CA ARG B 221 -0.34 -11.26 -12.24
C ARG B 221 0.29 -10.35 -11.19
N ILE B 222 -0.48 -9.40 -10.69
CA ILE B 222 0.01 -8.46 -9.68
C ILE B 222 0.33 -9.17 -8.35
N PHE B 223 -0.54 -10.10 -7.96
CA PHE B 223 -0.27 -10.93 -6.79
C PHE B 223 1.03 -11.70 -6.98
N GLU B 224 1.21 -12.30 -8.15
CA GLU B 224 2.41 -13.10 -8.43
C GLU B 224 3.70 -12.27 -8.40
N LEU B 225 3.66 -11.07 -8.97
CA LEU B 225 4.82 -10.17 -8.93
C LEU B 225 5.31 -9.86 -7.51
N ALA B 226 4.39 -9.91 -6.55
CA ALA B 226 4.68 -9.54 -5.17
C ALA B 226 5.07 -10.72 -4.30
N ARG B 227 4.99 -11.93 -4.85
N ARG B 227 4.97 -11.93 -4.85
CA ARG B 227 5.09 -13.15 -4.04
CA ARG B 227 5.10 -13.15 -4.06
C ARG B 227 6.47 -13.33 -3.38
C ARG B 227 6.46 -13.30 -3.37
N THR B 228 7.52 -12.85 -4.03
CA THR B 228 8.86 -12.95 -3.47
C THR B 228 9.31 -11.68 -2.74
N LEU B 229 8.35 -10.83 -2.42
CA LEU B 229 8.56 -9.65 -1.58
C LEU B 229 9.43 -8.57 -2.22
N GLN B 230 9.43 -8.50 -3.55
CA GLN B 230 10.01 -7.34 -4.21
C GLN B 230 8.97 -6.24 -4.30
N LEU B 231 9.40 -4.99 -4.34
CA LEU B 231 8.50 -3.86 -4.50
C LEU B 231 7.76 -4.01 -5.82
N VAL B 232 6.48 -3.65 -5.82
CA VAL B 232 5.66 -3.72 -7.02
C VAL B 232 5.04 -2.35 -7.27
N VAL B 233 5.23 -1.83 -8.47
CA VAL B 233 4.68 -0.53 -8.82
C VAL B 233 3.87 -0.69 -10.08
N LEU B 234 2.64 -0.19 -10.05
CA LEU B 234 1.77 -0.28 -11.21
C LEU B 234 1.67 1.07 -11.90
N ASP B 235 1.80 1.06 -13.22
CA ASP B 235 1.36 2.20 -14.03
C ASP B 235 -0.04 1.83 -14.51
N ALA B 236 -1.05 2.19 -13.73
CA ALA B 236 -2.41 1.74 -14.02
C ALA B 236 -3.22 2.85 -14.67
N ASP B 237 -3.38 2.77 -15.99
CA ASP B 237 -3.97 3.82 -16.83
C ASP B 237 -5.32 4.31 -16.36
N THR B 238 -6.14 3.40 -15.83
CA THR B 238 -7.54 3.74 -15.57
C THR B 238 -7.78 4.26 -14.15
N ILE B 239 -6.74 4.25 -13.32
CA ILE B 239 -6.93 4.59 -11.92
C ILE B 239 -6.56 6.04 -11.62
N ASN B 240 -7.57 6.86 -11.33
CA ASN B 240 -7.36 8.28 -11.10
C ASN B 240 -7.77 8.70 -9.70
N HIS B 241 -8.40 7.79 -8.97
CA HIS B 241 -8.94 8.10 -7.66
C HIS B 241 -8.74 6.89 -6.76
N PRO B 242 -8.42 7.12 -5.48
CA PRO B 242 -8.21 5.98 -4.56
C PRO B 242 -9.44 5.08 -4.40
N ALA B 243 -10.63 5.67 -4.33
CA ALA B 243 -11.86 4.89 -4.21
C ALA B 243 -12.05 3.89 -5.36
N GLN B 244 -11.22 3.97 -6.40
CA GLN B 244 -11.38 3.07 -7.53
C GLN B 244 -10.92 1.66 -7.25
N LEU B 245 -10.01 1.48 -6.30
CA LEU B 245 -9.49 0.15 -6.01
C LEU B 245 -9.93 -0.33 -4.65
N SER B 246 -10.72 0.49 -3.97
CA SER B 246 -11.13 0.20 -2.59
C SER B 246 -11.90 -1.10 -2.45
N LYS B 247 -12.60 -1.53 -3.49
CA LYS B 247 -13.40 -2.74 -3.41
C LYS B 247 -12.65 -3.97 -3.94
N THR B 248 -11.41 -3.78 -4.39
CA THR B 248 -10.60 -4.92 -4.82
C THR B 248 -9.80 -5.41 -3.62
N SER B 249 -9.11 -6.52 -3.80
CA SER B 249 -8.22 -7.02 -2.76
C SER B 249 -6.78 -6.66 -3.08
N LEU B 250 -6.58 -5.67 -3.95
CA LEU B 250 -5.21 -5.23 -4.24
C LEU B 250 -4.52 -4.48 -3.10
N ALA B 251 -5.31 -3.79 -2.27
CA ALA B 251 -4.77 -3.02 -1.16
C ALA B 251 -3.58 -2.12 -1.56
N PRO B 252 -3.75 -1.28 -2.58
CA PRO B 252 -2.59 -0.52 -3.03
C PRO B 252 -2.03 0.45 -1.98
N ILE B 253 -0.76 0.78 -2.14
CA ILE B 253 -0.16 1.98 -1.57
C ILE B 253 -0.48 3.09 -2.56
N VAL B 254 -1.33 4.03 -2.13
CA VAL B 254 -1.81 5.06 -3.02
C VAL B 254 -0.97 6.30 -2.83
N VAL B 255 -0.31 6.71 -3.91
CA VAL B 255 0.56 7.86 -3.86
C VAL B 255 -0.11 9.02 -4.59
N TYR B 256 -0.36 10.10 -3.86
CA TYR B 256 -0.99 11.29 -4.42
C TYR B 256 0.10 12.24 -4.90
N VAL B 257 0.22 12.44 -6.21
CA VAL B 257 1.14 13.44 -6.72
C VAL B 257 0.30 14.70 -6.79
N LYS B 258 0.57 15.62 -5.88
CA LYS B 258 -0.33 16.73 -5.61
C LYS B 258 0.31 18.05 -6.00
N ILE B 259 -0.36 18.79 -6.88
CA ILE B 259 0.00 20.18 -7.13
C ILE B 259 -0.93 21.08 -6.29
N SER B 260 -0.37 21.76 -5.30
CA SER B 260 -1.19 22.47 -4.32
C SER B 260 -2.02 23.59 -4.93
N SER B 261 -1.48 24.26 -5.94
CA SER B 261 -2.14 25.44 -6.49
C SER B 261 -2.81 25.12 -7.82
N PRO B 262 -4.14 25.31 -7.88
CA PRO B 262 -4.87 25.16 -9.15
C PRO B 262 -4.33 26.08 -10.24
N LYS B 263 -3.86 27.28 -9.88
CA LYS B 263 -3.32 28.24 -10.85
C LYS B 263 -2.08 27.66 -11.49
N VAL B 264 -1.25 27.04 -10.66
CA VAL B 264 -0.07 26.35 -11.15
C VAL B 264 -0.42 25.21 -12.11
N LEU B 265 -1.40 24.37 -11.76
CA LEU B 265 -1.80 23.30 -12.66
C LEU B 265 -2.31 23.83 -14.00
N GLN B 266 -3.12 24.88 -13.95
CA GLN B 266 -3.65 25.49 -15.16
C GLN B 266 -2.53 25.98 -16.06
N ARG B 267 -1.55 26.65 -15.47
CA ARG B 267 -0.40 27.15 -16.22
C ARG B 267 0.43 26.02 -16.82
N LEU B 268 0.56 24.93 -16.08
CA LEU B 268 1.27 23.76 -16.56
C LEU B 268 0.58 23.13 -17.76
N ILE B 269 -0.74 23.05 -17.68
CA ILE B 269 -1.52 22.49 -18.77
C ILE B 269 -1.37 23.38 -20.00
N LYS B 270 -1.50 24.69 -19.80
CA LYS B 270 -1.39 25.66 -20.90
C LYS B 270 -0.02 25.59 -21.57
N SER B 271 1.00 25.27 -20.77
CA SER B 271 2.36 25.15 -21.29
C SER B 271 2.47 24.00 -22.30
N ARG B 272 1.53 23.05 -22.24
CA ARG B 272 1.59 21.92 -23.16
C ARG B 272 1.04 22.22 -24.55
N GLY B 273 0.39 23.37 -24.72
CA GLY B 273 -0.15 23.75 -26.01
C GLY B 273 -1.66 23.58 -26.09
N LYS B 274 -2.26 24.14 -27.13
CA LYS B 274 -3.71 24.21 -27.15
C LYS B 274 -4.37 22.83 -27.27
N SER B 275 -3.65 21.84 -27.79
CA SER B 275 -4.18 20.47 -27.90
C SER B 275 -4.46 19.88 -26.51
N GLN B 276 -3.68 20.32 -25.53
CA GLN B 276 -3.90 19.91 -24.15
C GLN B 276 -4.79 20.91 -23.41
N ALA B 277 -4.62 22.19 -23.69
CA ALA B 277 -5.43 23.22 -23.05
C ALA B 277 -6.92 23.13 -23.43
N LYS B 278 -7.21 22.53 -24.58
CA LYS B 278 -8.60 22.22 -24.94
C LYS B 278 -9.29 21.42 -23.83
N HIS B 279 -8.50 20.59 -23.16
CA HIS B 279 -9.02 19.71 -22.12
C HIS B 279 -8.72 20.23 -20.74
N LEU B 280 -8.58 21.54 -20.62
CA LEU B 280 -8.25 22.15 -19.34
C LEU B 280 -9.29 21.82 -18.27
N ASN B 281 -10.57 22.02 -18.59
CA ASN B 281 -11.59 21.92 -17.56
C ASN B 281 -11.71 20.56 -16.90
N VAL B 282 -11.73 19.52 -17.72
CA VAL B 282 -11.85 18.18 -17.19
C VAL B 282 -10.64 17.85 -16.31
N GLN B 283 -9.47 18.35 -16.66
CA GLN B 283 -8.29 18.14 -15.82
C GLN B 283 -8.35 18.95 -14.52
N MET B 284 -8.85 20.18 -14.59
CA MET B 284 -8.96 21.02 -13.41
C MET B 284 -10.01 20.46 -12.44
N VAL B 285 -11.11 19.98 -12.99
CA VAL B 285 -12.15 19.38 -12.16
C VAL B 285 -11.64 18.14 -11.43
N ALA B 286 -10.93 17.28 -12.15
CA ALA B 286 -10.37 16.08 -11.56
C ALA B 286 -9.37 16.38 -10.45
N ALA B 287 -8.52 17.38 -10.63
CA ALA B 287 -7.54 17.74 -9.59
C ALA B 287 -8.25 18.29 -8.35
N ASP B 288 -9.31 19.06 -8.57
CA ASP B 288 -10.07 19.57 -7.45
C ASP B 288 -10.74 18.43 -6.65
N LYS B 289 -11.20 17.40 -7.36
CA LYS B 289 -11.75 16.23 -6.67
C LYS B 289 -10.72 15.53 -5.78
N LEU B 290 -9.51 15.31 -6.28
CA LEU B 290 -8.49 14.70 -5.42
C LEU B 290 -8.24 15.57 -4.21
N ALA B 291 -8.23 16.89 -4.44
CA ALA B 291 -7.95 17.85 -3.37
C ALA B 291 -9.03 17.87 -2.29
N GLN B 292 -10.21 17.35 -2.60
CA GLN B 292 -11.31 17.32 -1.62
C GLN B 292 -11.28 16.07 -0.75
N CYS B 293 -10.58 15.02 -1.21
CA CYS B 293 -10.45 13.80 -0.45
C CYS B 293 -9.76 14.08 0.88
N PRO B 294 -10.17 13.35 1.93
CA PRO B 294 -9.42 13.43 3.18
C PRO B 294 -8.05 12.80 2.97
N PRO B 295 -7.00 13.40 3.53
CA PRO B 295 -5.62 12.93 3.32
C PRO B 295 -5.39 11.48 3.72
N GLU B 296 -6.23 10.93 4.59
CA GLU B 296 -6.05 9.56 5.04
C GLU B 296 -6.41 8.53 3.96
N LEU B 297 -7.03 8.99 2.88
CA LEU B 297 -7.29 8.13 1.74
C LEU B 297 -6.01 7.83 0.97
N PHE B 298 -4.97 8.62 1.24
CA PHE B 298 -3.69 8.46 0.54
C PHE B 298 -2.64 7.92 1.49
N ASP B 299 -1.80 7.03 0.99
CA ASP B 299 -0.71 6.51 1.80
C ASP B 299 0.48 7.46 1.80
N VAL B 300 0.70 8.12 0.67
CA VAL B 300 1.79 9.09 0.53
C VAL B 300 1.27 10.26 -0.29
N ILE B 301 1.57 11.46 0.18
CA ILE B 301 1.22 12.66 -0.58
C ILE B 301 2.48 13.40 -0.99
N LEU B 302 2.71 13.51 -2.29
CA LEU B 302 3.90 14.18 -2.77
C LEU B 302 3.52 15.56 -3.24
N ASP B 303 3.63 16.54 -2.34
CA ASP B 303 3.30 17.91 -2.73
C ASP B 303 4.53 18.78 -2.94
N GLU B 304 5.69 18.14 -3.05
CA GLU B 304 6.94 18.87 -3.32
C GLU B 304 7.00 19.35 -4.77
N ASN B 305 7.46 20.58 -4.98
CA ASN B 305 7.51 21.16 -6.32
C ASN B 305 8.78 20.88 -7.12
N GLN B 306 9.73 20.16 -6.52
CA GLN B 306 10.93 19.73 -7.23
C GLN B 306 10.88 18.21 -7.37
N LEU B 307 11.10 17.72 -8.57
CA LEU B 307 11.14 16.28 -8.82
C LEU B 307 12.03 15.53 -7.81
N GLU B 308 13.25 16.02 -7.61
CA GLU B 308 14.17 15.32 -6.72
C GLU B 308 13.64 15.23 -5.28
N ASP B 309 12.90 16.24 -4.83
CA ASP B 309 12.35 16.20 -3.47
C ASP B 309 11.15 15.25 -3.41
N ALA B 310 10.31 15.27 -4.43
CA ALA B 310 9.20 14.33 -4.49
C ALA B 310 9.73 12.88 -4.53
N CYS B 311 10.79 12.66 -5.32
CA CYS B 311 11.41 11.34 -5.41
C CYS B 311 11.95 10.86 -4.06
N GLU B 312 12.66 11.75 -3.37
CA GLU B 312 13.24 11.40 -2.08
C GLU B 312 12.18 11.03 -1.06
N HIS B 313 11.08 11.76 -1.06
CA HIS B 313 9.96 11.48 -0.16
C HIS B 313 9.38 10.10 -0.45
N LEU B 314 9.10 9.83 -1.72
CA LEU B 314 8.54 8.54 -2.09
C LEU B 314 9.53 7.40 -1.81
N ALA B 315 10.80 7.61 -2.11
CA ALA B 315 11.82 6.62 -1.83
C ALA B 315 11.95 6.35 -0.33
N ASP B 316 11.93 7.39 0.49
CA ASP B 316 12.01 7.19 1.95
C ASP B 316 10.84 6.33 2.44
N TYR B 317 9.64 6.61 1.91
CA TYR B 317 8.48 5.83 2.28
C TYR B 317 8.64 4.37 1.87
N LEU B 318 9.07 4.12 0.63
CA LEU B 318 9.18 2.75 0.15
C LEU B 318 10.35 2.00 0.80
N GLU B 319 11.40 2.73 1.14
CA GLU B 319 12.52 2.11 1.86
C GLU B 319 12.04 1.65 3.24
N ALA B 320 11.23 2.47 3.89
CA ALA B 320 10.66 2.05 5.17
C ALA B 320 9.68 0.88 5.00
N TYR B 321 8.97 0.84 3.88
CA TYR B 321 8.07 -0.28 3.62
C TYR B 321 8.89 -1.55 3.39
N TRP B 322 10.04 -1.39 2.73
CA TRP B 322 10.94 -2.51 2.54
C TRP B 322 11.36 -3.10 3.88
N LYS B 323 11.74 -2.24 4.83
CA LYS B 323 12.12 -2.68 6.16
C LYS B 323 10.96 -3.39 6.87
N ALA B 324 9.76 -2.82 6.78
CA ALA B 324 8.58 -3.41 7.43
C ALA B 324 8.28 -4.81 6.89
N THR B 325 8.60 -5.03 5.62
CA THR B 325 8.29 -6.30 4.96
C THR B 325 9.45 -7.28 4.97
N HIS B 326 10.64 -6.81 5.35
CA HIS B 326 11.84 -7.63 5.39
C HIS B 326 12.55 -7.57 6.74
N PRO B 327 11.99 -8.25 7.74
CA PRO B 327 12.57 -8.21 9.08
C PRO B 327 13.97 -8.81 9.11
N PRO B 328 14.85 -8.29 9.98
CA PRO B 328 16.20 -8.83 10.06
C PRO B 328 16.20 -10.29 10.47
N SER B 329 17.20 -11.04 10.00
CA SER B 329 17.36 -12.44 10.38
C SER B 329 17.81 -12.55 11.84
#